data_1QFK
#
_entry.id   1QFK
#
_cell.length_a   115.300
_cell.length_b   115.300
_cell.length_c   98.000
_cell.angle_alpha   90.00
_cell.angle_beta   90.00
_cell.angle_gamma   90.00
#
_symmetry.space_group_name_H-M   'P 43 2 2'
#
loop_
_entity.id
_entity.type
_entity.pdbx_description
1 polymer 'COAGULATION FACTOR VIIA LIGHT CHAIN'
2 polymer 'COAGULATION FACTOR VIIA HEAVY CHAIN'
3 branched 2-acetamido-2-deoxy-beta-D-glucopyranose-(1-4)-[beta-L-fucopyranose-(1-6)]2-acetamido-2-deoxy-beta-D-glucopyranose
4 non-polymer alpha-D-glucopyranose
5 non-polymer alpha-L-fucopyranose
6 non-polymer D-phenylalanyl-N-[(2S,3S)-6-{[amino(iminio)methyl]amino}-1-chloro-2-hydroxyhexan-3-yl]-L-phenylalaninamide
7 non-polymer 'CALCIUM ION'
8 water water
#
loop_
_entity_poly.entity_id
_entity_poly.type
_entity_poly.pdbx_seq_one_letter_code
_entity_poly.pdbx_strand_id
1 'polypeptide(L)'
;QCASSPCQNGGSCKDQLQSYICFCLPAFEGRNCETHKDDQLICVNENGGCEQYCSDHTGTKRSCRCHEGYSLLADGVSCT
PTVEYPCGKIPILEKRNASKPQGR
;
L
2 'polypeptide(L)'
;IVGGKVCPKGECPWQVLLLVNGAQLCGGTLINTIWVVSAAHCFDKIKNWRNLIAVLGEHDLSEHDGDEQSRRVAQVIIPS
TYVPGTTNHDIALLRLHQPVVLTDHVVPLCLPERTFSERTLAFVRFSLVSGWGQLLDRGATALELMVLNVPRLMTQDCLQ
QSRKVGDSPNITEYMFCAGYSDGSKDSCKGDSGGPHATHYRGTWYLTGIVSWGQGCATVGHFGVYTRVSQYIEWLQKLMR
SEPRPGVLLRAPFP
;
H
#
# COMPACT_ATOMS: atom_id res chain seq x y z
N GLN A 1 -49.65 -22.37 2.13
CA GLN A 1 -48.91 -21.11 2.47
C GLN A 1 -48.02 -20.71 1.30
N CYS A 2 -47.59 -21.67 0.50
CA CYS A 2 -46.77 -21.43 -0.68
C CYS A 2 -47.58 -20.90 -1.86
N ALA A 3 -48.88 -20.77 -1.64
CA ALA A 3 -49.85 -20.26 -2.58
C ALA A 3 -49.55 -18.79 -2.83
N SER A 4 -49.29 -17.95 -1.82
CA SER A 4 -49.02 -16.54 -2.14
C SER A 4 -47.66 -16.20 -2.74
N SER A 5 -46.96 -17.21 -3.24
CA SER A 5 -45.66 -17.00 -3.86
C SER A 5 -44.85 -15.93 -3.16
N PRO A 6 -44.29 -16.26 -2.02
CA PRO A 6 -43.50 -15.35 -1.19
C PRO A 6 -42.06 -15.29 -1.65
N CYS A 7 -41.57 -16.40 -2.16
CA CYS A 7 -40.23 -16.55 -2.68
C CYS A 7 -39.96 -15.66 -3.89
N GLN A 8 -39.31 -14.53 -3.67
CA GLN A 8 -38.99 -13.61 -4.75
C GLN A 8 -37.88 -14.08 -5.67
N ASN A 9 -37.63 -13.35 -6.74
CA ASN A 9 -36.60 -13.67 -7.71
C ASN A 9 -36.48 -15.14 -8.06
N GLY A 10 -37.57 -15.73 -8.53
CA GLY A 10 -37.66 -17.10 -8.96
C GLY A 10 -37.18 -18.10 -7.91
N GLY A 11 -37.58 -17.88 -6.67
CA GLY A 11 -37.22 -18.78 -5.57
C GLY A 11 -38.17 -19.98 -5.62
N SER A 12 -37.74 -21.10 -5.02
CA SER A 12 -38.59 -22.28 -5.01
C SER A 12 -39.16 -22.52 -3.62
N CYS A 13 -40.48 -22.31 -3.56
CA CYS A 13 -41.25 -22.47 -2.34
C CYS A 13 -41.60 -23.91 -2.00
N LYS A 14 -41.69 -24.17 -0.71
CA LYS A 14 -42.05 -25.46 -0.14
C LYS A 14 -42.68 -25.23 1.24
N ASP A 15 -43.89 -25.74 1.36
CA ASP A 15 -44.76 -25.68 2.51
C ASP A 15 -44.15 -26.37 3.72
N GLN A 16 -44.11 -25.67 4.86
CA GLN A 16 -43.51 -26.26 6.06
C GLN A 16 -44.25 -25.86 7.32
N LEU A 17 -44.83 -26.80 8.07
CA LEU A 17 -45.58 -26.38 9.28
C LEU A 17 -46.71 -25.49 8.84
N GLN A 18 -47.02 -24.36 9.49
CA GLN A 18 -48.11 -23.53 8.90
C GLN A 18 -47.43 -22.38 8.18
N SER A 19 -46.35 -22.69 7.47
CA SER A 19 -45.55 -21.68 6.79
C SER A 19 -44.79 -22.26 5.65
N TYR A 20 -43.66 -21.73 5.25
CA TYR A 20 -42.93 -22.27 4.11
C TYR A 20 -41.45 -21.96 4.24
N ILE A 21 -40.70 -22.55 3.36
CA ILE A 21 -39.28 -22.45 3.16
C ILE A 21 -39.03 -21.91 1.76
N CYS A 22 -38.07 -21.02 1.60
CA CYS A 22 -37.73 -20.52 0.26
C CYS A 22 -36.32 -21.06 -0.01
N PHE A 23 -36.17 -21.77 -1.13
CA PHE A 23 -34.85 -22.30 -1.50
C PHE A 23 -34.44 -21.34 -2.63
N CYS A 24 -33.42 -20.51 -2.32
CA CYS A 24 -33.04 -19.48 -3.28
C CYS A 24 -32.02 -19.81 -4.34
N LEU A 25 -32.16 -19.10 -5.47
CA LEU A 25 -31.21 -19.28 -6.57
C LEU A 25 -29.85 -18.86 -6.01
N PRO A 26 -28.79 -19.36 -6.63
CA PRO A 26 -27.40 -19.13 -6.28
C PRO A 26 -27.13 -17.72 -5.80
N ALA A 27 -27.45 -16.77 -6.68
CA ALA A 27 -27.31 -15.35 -6.49
C ALA A 27 -28.22 -14.65 -5.50
N PHE A 28 -29.20 -15.28 -4.85
CA PHE A 28 -30.08 -14.56 -3.94
C PHE A 28 -30.08 -15.11 -2.51
N GLU A 29 -30.28 -14.24 -1.52
CA GLU A 29 -30.29 -14.69 -0.14
C GLU A 29 -31.39 -13.99 0.68
N GLY A 30 -31.89 -14.67 1.70
CA GLY A 30 -32.93 -14.12 2.53
C GLY A 30 -34.11 -15.09 2.64
N ARG A 31 -34.93 -14.82 3.64
CA ARG A 31 -36.14 -15.54 3.97
C ARG A 31 -36.99 -15.75 2.74
N ASN A 32 -37.23 -14.65 2.03
CA ASN A 32 -38.02 -14.65 0.81
C ASN A 32 -37.24 -14.48 -0.47
N CYS A 33 -35.92 -14.69 -0.41
CA CYS A 33 -35.00 -14.55 -1.52
C CYS A 33 -35.06 -13.09 -1.98
N GLU A 34 -35.33 -12.15 -1.07
CA GLU A 34 -35.49 -10.77 -1.47
C GLU A 34 -34.23 -10.02 -1.85
N THR A 35 -33.04 -10.35 -1.36
CA THR A 35 -31.86 -9.57 -1.72
C THR A 35 -30.87 -10.25 -2.66
N HIS A 36 -30.39 -9.48 -3.63
CA HIS A 36 -29.43 -9.93 -4.63
C HIS A 36 -28.00 -9.89 -4.13
N LYS A 37 -27.13 -10.62 -4.84
CA LYS A 37 -25.72 -10.67 -4.49
C LYS A 37 -25.18 -9.25 -4.35
N ASP A 38 -25.22 -8.44 -5.41
CA ASP A 38 -24.74 -7.07 -5.40
C ASP A 38 -25.43 -6.11 -4.45
N ASP A 39 -26.32 -6.52 -3.57
CA ASP A 39 -27.02 -5.65 -2.65
C ASP A 39 -26.85 -6.19 -1.23
N GLN A 40 -26.28 -7.40 -1.18
CA GLN A 40 -26.03 -8.05 0.11
C GLN A 40 -25.08 -7.26 0.98
N LEU A 41 -24.96 -7.70 2.24
CA LEU A 41 -24.05 -7.04 3.17
C LEU A 41 -22.82 -7.89 3.44
N ILE A 42 -22.15 -8.31 2.38
CA ILE A 42 -20.93 -9.07 2.34
C ILE A 42 -19.76 -8.13 2.04
N CYS A 43 -18.53 -8.60 2.21
CA CYS A 43 -17.36 -7.77 2.02
C CYS A 43 -17.01 -7.25 0.64
N VAL A 44 -17.47 -7.89 -0.41
CA VAL A 44 -17.20 -7.45 -1.78
C VAL A 44 -18.00 -6.23 -2.17
N ASN A 45 -19.12 -5.92 -1.53
CA ASN A 45 -19.88 -4.73 -1.88
C ASN A 45 -19.47 -3.54 -1.02
N GLU A 46 -18.60 -2.73 -1.62
CA GLU A 46 -18.07 -1.54 -1.00
C GLU A 46 -17.45 -1.82 0.36
N ASN A 47 -16.68 -2.90 0.49
CA ASN A 47 -16.03 -3.20 1.77
C ASN A 47 -17.13 -3.24 2.82
N GLY A 48 -18.21 -3.95 2.51
CA GLY A 48 -19.39 -4.05 3.31
C GLY A 48 -19.58 -2.85 4.23
N GLY A 49 -19.48 -1.59 3.86
CA GLY A 49 -19.63 -0.48 4.75
C GLY A 49 -18.46 -0.13 5.63
N CYS A 50 -17.66 -1.08 6.09
CA CYS A 50 -16.51 -0.86 6.93
C CYS A 50 -15.55 0.22 6.42
N GLU A 51 -15.04 1.09 7.26
CA GLU A 51 -14.13 2.15 6.88
C GLU A 51 -12.74 1.57 6.62
N GLN A 52 -12.35 0.59 7.40
CA GLN A 52 -11.06 -0.05 7.30
C GLN A 52 -11.24 -1.53 7.03
N TYR A 53 -11.06 -2.50 7.91
CA TYR A 53 -11.21 -3.88 7.42
C TYR A 53 -12.56 -4.56 7.53
N CYS A 54 -12.71 -5.72 6.88
CA CYS A 54 -13.94 -6.46 6.79
C CYS A 54 -13.68 -7.96 6.67
N SER A 55 -14.70 -8.70 7.13
CA SER A 55 -14.64 -10.17 7.11
C SER A 55 -16.04 -10.75 6.90
N ASP A 56 -16.14 -11.92 6.23
N ASP A 56 -16.13 -11.45 5.77
CA ASP A 56 -17.43 -12.57 6.03
CA ASP A 56 -17.38 -12.01 5.27
C ASP A 56 -17.48 -14.01 5.58
C ASP A 56 -17.71 -13.28 6.04
N HIS A 57 -16.49 -14.82 5.90
N HIS A 57 -18.88 -13.25 6.69
CA HIS A 57 -16.50 -16.23 5.49
CA HIS A 57 -19.40 -14.33 7.50
C HIS A 57 -16.76 -17.15 6.67
C HIS A 57 -20.56 -15.02 6.79
N THR A 58 -17.31 -16.59 7.75
N THR A 58 -20.29 -16.22 6.30
CA THR A 58 -17.61 -17.39 8.93
CA THR A 58 -21.26 -17.03 5.59
C THR A 58 -19.11 -17.51 9.20
C THR A 58 -22.58 -17.16 6.34
N GLY A 59 -19.90 -17.52 8.12
N GLY A 59 -23.67 -16.74 5.73
CA GLY A 59 -21.31 -17.68 8.18
CA GLY A 59 -24.98 -16.82 6.35
C GLY A 59 -22.39 -16.66 8.32
C GLY A 59 -25.28 -15.59 7.19
N THR A 60 -22.88 -16.51 9.55
N THR A 60 -24.35 -15.19 8.04
CA THR A 60 -24.00 -15.62 9.86
CA THR A 60 -24.51 -14.04 8.91
C THR A 60 -23.95 -14.20 9.33
C THR A 60 -23.95 -12.76 8.28
N LYS A 61 -23.01 -13.35 9.70
N LYS A 61 -24.13 -11.69 9.07
CA LYS A 61 -22.98 -11.98 9.19
CA LYS A 61 -23.66 -10.37 8.66
C LYS A 61 -21.59 -11.46 8.94
C LYS A 61 -22.14 -10.36 8.75
N ARG A 62 -21.46 -10.15 8.71
N ARG A 62 -21.53 -9.26 8.33
CA ARG A 62 -20.16 -9.53 8.46
CA ARG A 62 -20.09 -9.10 8.37
C ARG A 62 -19.76 -8.56 9.56
C ARG A 62 -19.61 -8.22 9.52
N SER A 63 -18.50 -8.64 9.95
N SER A 63 -18.42 -8.57 10.00
CA SER A 63 -17.88 -7.81 11.00
CA SER A 63 -17.73 -7.87 11.09
C SER A 63 -17.00 -6.71 10.43
C SER A 63 -16.82 -6.80 10.47
N CYS A 64 -16.59 -5.68 11.17
CA CYS A 64 -15.74 -4.63 10.63
C CYS A 64 -14.67 -4.12 11.60
N ARG A 65 -13.49 -4.73 11.60
CA ARG A 65 -12.44 -4.30 12.51
C ARG A 65 -11.59 -3.16 12.02
N CYS A 66 -10.60 -2.73 12.79
CA CYS A 66 -9.72 -1.64 12.44
C CYS A 66 -8.24 -2.04 12.58
N HIS A 67 -7.38 -1.17 12.06
CA HIS A 67 -5.94 -1.34 11.99
C HIS A 67 -5.27 -0.92 13.27
N GLU A 68 -4.11 -1.40 13.69
CA GLU A 68 -3.54 -0.93 14.95
C GLU A 68 -3.65 0.58 15.11
N GLY A 69 -3.93 1.09 16.32
CA GLY A 69 -4.02 2.52 16.59
C GLY A 69 -5.36 3.16 16.31
N TYR A 70 -6.34 2.31 16.06
CA TYR A 70 -7.69 2.73 15.74
C TYR A 70 -8.67 1.82 16.47
N SER A 71 -9.87 2.34 16.74
CA SER A 71 -10.83 1.44 17.39
C SER A 71 -12.19 1.57 16.70
N LEU A 72 -12.93 0.47 16.80
CA LEU A 72 -14.25 0.49 16.17
C LEU A 72 -15.14 1.42 16.98
N LEU A 73 -16.22 1.88 16.36
CA LEU A 73 -17.17 2.78 16.97
C LEU A 73 -18.56 2.19 16.99
N ALA A 74 -19.43 2.84 17.76
CA ALA A 74 -20.83 2.49 17.96
C ALA A 74 -21.47 1.65 16.86
N ASP A 75 -21.68 2.28 15.70
CA ASP A 75 -22.27 1.77 14.50
C ASP A 75 -21.78 0.45 13.90
N GLY A 76 -20.64 -0.02 14.34
CA GLY A 76 -20.04 -1.25 13.87
C GLY A 76 -19.29 -1.12 12.56
N VAL A 77 -19.11 0.09 12.03
CA VAL A 77 -18.44 0.36 10.78
C VAL A 77 -17.36 1.44 10.83
N SER A 78 -17.58 2.60 11.44
CA SER A 78 -16.60 3.68 11.46
C SER A 78 -15.39 3.36 12.34
N CYS A 79 -14.32 4.15 12.22
CA CYS A 79 -13.12 3.87 13.01
C CYS A 79 -12.53 5.19 13.49
N THR A 80 -11.88 5.23 14.64
CA THR A 80 -11.27 6.48 15.11
C THR A 80 -9.90 6.15 15.72
N PRO A 81 -9.01 7.11 15.56
CA PRO A 81 -7.66 7.00 16.06
C PRO A 81 -7.71 6.82 17.56
N THR A 82 -6.73 6.11 18.12
CA THR A 82 -6.63 5.89 19.54
C THR A 82 -5.20 6.27 19.95
N VAL A 83 -4.49 7.00 19.10
CA VAL A 83 -3.16 7.45 19.47
C VAL A 83 -3.01 8.85 18.84
N GLU A 84 -1.97 9.56 19.21
CA GLU A 84 -1.76 10.91 18.72
C GLU A 84 -1.65 10.89 17.20
N TYR A 85 -0.59 10.22 16.72
CA TYR A 85 -0.26 10.05 15.33
C TYR A 85 -0.51 8.66 14.83
N PRO A 86 -1.73 8.35 14.47
CA PRO A 86 -2.06 7.02 13.92
C PRO A 86 -1.42 6.85 12.53
N CYS A 87 -1.30 5.57 12.06
CA CYS A 87 -0.69 5.45 10.72
C CYS A 87 -1.61 6.06 9.66
N GLY A 88 -0.96 6.71 8.71
CA GLY A 88 -1.62 7.29 7.59
C GLY A 88 -2.69 8.32 7.63
N LYS A 89 -2.43 9.36 8.40
CA LYS A 89 -3.32 10.53 8.52
C LYS A 89 -2.25 11.63 8.45
N ILE A 90 -2.48 12.70 7.75
CA ILE A 90 -1.44 13.73 7.63
C ILE A 90 -1.83 14.77 8.66
N PRO A 91 -1.11 14.77 9.75
CA PRO A 91 -1.36 15.65 10.89
C PRO A 91 -1.62 17.06 10.42
N ILE A 92 -0.68 17.74 9.75
CA ILE A 92 -1.04 19.08 9.33
C ILE A 92 -2.36 19.10 8.57
N LEU A 93 -2.92 18.20 7.79
CA LEU A 93 -4.23 18.52 7.25
C LEU A 93 -5.31 17.95 8.18
N GLU A 94 -4.91 17.19 9.20
CA GLU A 94 -5.87 16.61 10.15
C GLU A 94 -6.36 17.68 11.13
N LYS A 95 -5.44 18.63 11.38
CA LYS A 95 -5.69 19.76 12.25
C LYS A 95 -6.37 20.86 11.43
N ARG A 96 -6.11 20.95 10.12
CA ARG A 96 -6.74 21.99 9.31
C ARG A 96 -8.20 21.65 9.02
N ILE B 1 11.04 12.19 -9.76
CA ILE B 1 9.60 12.34 -10.23
C ILE B 1 9.57 13.23 -11.47
N VAL B 2 8.79 12.87 -12.46
CA VAL B 2 8.74 13.63 -13.66
C VAL B 2 7.29 14.10 -13.75
N GLY B 3 7.18 15.39 -13.98
CA GLY B 3 5.94 16.12 -14.05
C GLY B 3 5.22 16.10 -12.74
N GLY B 4 5.96 16.12 -11.64
CA GLY B 4 5.21 16.11 -10.37
C GLY B 4 5.06 17.46 -9.75
N LYS B 5 4.54 17.53 -8.52
CA LYS B 5 4.42 18.85 -7.83
C LYS B 5 5.22 18.68 -6.55
N VAL B 6 5.64 19.79 -5.99
CA VAL B 6 6.38 19.82 -4.72
C VAL B 6 5.41 19.38 -3.64
N CYS B 7 5.85 18.43 -2.80
CA CYS B 7 4.97 17.97 -1.73
C CYS B 7 5.06 19.08 -0.70
N PRO B 8 3.93 19.67 -0.37
CA PRO B 8 3.91 20.76 0.60
C PRO B 8 4.50 20.18 1.88
N LYS B 9 5.54 20.80 2.43
CA LYS B 9 6.20 20.36 3.67
C LYS B 9 5.14 19.93 4.69
N GLY B 10 5.16 18.66 5.07
CA GLY B 10 4.21 18.12 6.01
C GLY B 10 3.22 17.16 5.35
N GLU B 11 3.06 17.23 4.02
CA GLU B 11 2.06 16.36 3.37
C GLU B 11 2.59 15.01 2.96
N CYS B 12 3.86 14.72 3.24
CA CYS B 12 4.37 13.36 2.89
C CYS B 12 5.22 12.95 4.08
N PRO B 13 4.57 12.74 5.23
CA PRO B 13 5.16 12.39 6.51
C PRO B 13 5.78 11.03 6.59
N TRP B 14 5.50 10.15 5.64
CA TRP B 14 6.12 8.81 5.68
C TRP B 14 7.28 8.82 4.70
N GLN B 15 7.52 9.91 3.98
CA GLN B 15 8.58 9.89 2.99
C GLN B 15 9.91 9.63 3.64
N VAL B 16 10.80 8.84 3.06
CA VAL B 16 12.08 8.64 3.77
C VAL B 16 13.21 8.97 2.81
N LEU B 17 14.36 9.48 3.24
CA LEU B 17 15.41 9.76 2.29
C LEU B 17 16.55 8.81 2.67
N LEU B 18 17.15 8.13 1.72
CA LEU B 18 18.22 7.21 2.10
C LEU B 18 19.54 7.76 1.58
N LEU B 19 20.52 7.93 2.48
CA LEU B 19 21.83 8.43 2.13
C LEU B 19 22.94 7.40 2.22
N VAL B 20 23.98 7.49 1.42
CA VAL B 20 25.11 6.58 1.57
C VAL B 20 26.26 7.64 1.54
N ASN B 21 26.95 7.72 2.66
CA ASN B 21 28.00 8.64 2.97
C ASN B 21 27.65 10.03 2.45
N GLY B 22 26.50 10.55 2.82
CA GLY B 22 26.10 11.86 2.36
C GLY B 22 25.40 11.88 1.01
N ALA B 23 25.69 10.94 0.09
CA ALA B 23 25.06 10.88 -1.21
C ALA B 23 23.65 10.32 -1.14
N GLN B 24 22.81 10.91 -1.96
CA GLN B 24 21.41 10.45 -2.03
C GLN B 24 21.47 9.05 -2.65
N LEU B 25 20.73 8.11 -2.08
CA LEU B 25 20.68 6.77 -2.61
C LEU B 25 19.25 6.37 -2.99
N CYS B 26 18.18 6.54 -2.24
CA CYS B 26 16.88 6.07 -2.68
C CYS B 26 15.81 6.71 -1.81
N GLY B 27 14.59 6.22 -1.80
CA GLY B 27 13.55 6.82 -0.93
C GLY B 27 13.14 5.66 -0.02
N GLY B 28 12.09 5.79 0.75
CA GLY B 28 11.71 4.64 1.60
C GLY B 28 10.34 4.97 2.15
N THR B 29 9.71 4.06 2.85
CA THR B 29 8.38 4.40 3.40
C THR B 29 8.45 4.04 4.88
N LEU B 30 8.06 4.94 5.76
CA LEU B 30 8.09 4.67 7.18
C LEU B 30 6.86 3.81 7.46
N ILE B 31 7.04 2.64 8.07
CA ILE B 31 5.86 1.85 8.36
C ILE B 31 5.71 1.67 9.86
N ASN B 32 6.75 1.89 10.62
CA ASN B 32 6.73 1.79 12.08
C ASN B 32 7.89 2.66 12.60
N THR B 33 8.06 2.86 13.90
CA THR B 33 9.16 3.72 14.34
C THR B 33 10.52 3.12 14.08
N ILE B 34 10.69 1.82 13.87
CA ILE B 34 12.06 1.37 13.57
C ILE B 34 12.08 0.72 12.19
N TRP B 35 10.95 0.74 11.49
CA TRP B 35 10.88 0.08 10.20
C TRP B 35 10.46 0.84 8.93
N VAL B 36 11.39 0.78 7.96
CA VAL B 36 11.05 1.41 6.67
C VAL B 36 11.07 0.38 5.53
N VAL B 37 10.10 0.51 4.64
CA VAL B 37 10.11 -0.35 3.45
C VAL B 37 10.87 0.38 2.34
N SER B 38 11.57 -0.36 1.51
CA SER B 38 12.31 0.35 0.46
C SER B 38 12.47 -0.64 -0.67
N ALA B 39 13.43 -0.45 -1.56
CA ALA B 39 13.52 -1.45 -2.62
C ALA B 39 14.82 -2.21 -2.66
N ALA B 40 14.77 -3.53 -2.84
CA ALA B 40 16.05 -4.26 -2.86
C ALA B 40 17.05 -3.68 -3.83
N HIS B 41 16.80 -3.41 -5.10
CA HIS B 41 17.88 -2.91 -5.94
C HIS B 41 18.60 -1.71 -5.37
N CYS B 42 18.25 -0.97 -4.37
CA CYS B 42 18.97 0.17 -3.86
C CYS B 42 20.29 -0.25 -3.21
N PHE B 43 20.37 -1.48 -2.78
CA PHE B 43 21.44 -2.14 -2.08
C PHE B 43 22.29 -3.06 -2.94
N ASP B 44 22.03 -3.03 -4.25
CA ASP B 44 22.78 -3.89 -5.13
C ASP B 44 24.29 -3.70 -5.11
N LYS B 45 24.74 -2.47 -5.00
CA LYS B 45 26.15 -2.14 -5.06
C LYS B 45 26.69 -1.38 -3.87
N ILE B 46 26.47 -1.87 -2.67
CA ILE B 46 26.95 -1.23 -1.46
C ILE B 46 28.12 -1.92 -0.78
N LYS B 47 29.19 -1.12 -0.63
CA LYS B 47 30.39 -1.62 0.05
C LYS B 47 30.36 -1.23 1.53
N ASN B 48 29.96 -0.03 1.89
CA ASN B 48 29.94 0.35 3.31
C ASN B 48 28.57 0.57 3.92
N TRP B 49 28.21 -0.29 4.87
CA TRP B 49 26.94 -0.28 5.54
C TRP B 49 26.90 0.50 6.85
N ARG B 50 28.01 1.14 7.23
CA ARG B 50 27.88 1.92 8.47
C ARG B 50 27.50 3.36 8.10
N ASN B 51 27.67 3.64 6.80
CA ASN B 51 27.36 5.01 6.37
C ASN B 51 25.98 5.12 5.73
N LEU B 52 25.15 4.11 5.92
CA LEU B 52 23.79 4.11 5.37
C LEU B 52 22.82 4.77 6.31
N ILE B 53 22.30 5.94 5.98
CA ILE B 53 21.40 6.66 6.88
C ILE B 53 19.98 6.89 6.36
N ALA B 54 18.99 6.85 7.23
CA ALA B 54 17.65 7.16 6.82
C ALA B 54 17.35 8.54 7.39
N VAL B 55 16.67 9.38 6.63
CA VAL B 55 16.34 10.69 7.17
C VAL B 55 14.83 10.89 7.09
N LEU B 56 14.17 11.18 8.19
CA LEU B 56 12.72 11.35 8.13
C LEU B 56 12.38 12.80 8.37
N GLY B 57 11.14 13.24 8.15
CA GLY B 57 10.79 14.60 8.33
C GLY B 57 11.57 15.48 7.37
N GLU B 58 12.28 14.96 6.39
CA GLU B 58 13.03 15.70 5.42
C GLU B 58 12.04 16.35 4.46
N HIS B 59 12.49 17.37 3.78
CA HIS B 59 11.69 18.11 2.80
C HIS B 59 12.59 18.85 1.79
N ASP B 60 13.40 19.77 2.28
CA ASP B 60 14.26 20.50 1.34
C ASP B 60 15.68 20.06 1.47
N LEU B 61 16.34 19.26 0.67
CA LEU B 61 17.72 18.93 0.97
C LEU B 61 18.74 20.05 1.02
N SER B 62 18.44 21.28 0.67
CA SER B 62 19.47 22.32 0.64
C SER B 62 19.46 23.21 1.88
N GLU B 63 18.58 22.90 2.81
CA GLU B 63 18.47 23.69 4.03
C GLU B 63 18.13 22.82 5.25
N HIS B 64 18.75 23.05 6.41
CA HIS B 64 18.45 22.26 7.60
C HIS B 64 17.32 22.95 8.33
N ASP B 65 16.23 22.35 8.74
CA ASP B 65 15.21 23.17 9.41
C ASP B 65 14.75 22.54 10.72
N GLY B 66 15.60 21.65 11.24
CA GLY B 66 15.32 20.93 12.45
C GLY B 66 14.26 19.86 12.48
N ASP B 67 13.46 19.55 11.44
CA ASP B 67 12.46 18.48 11.60
C ASP B 67 13.05 17.17 11.06
N GLU B 68 14.19 17.38 10.40
CA GLU B 68 14.90 16.21 9.93
C GLU B 68 15.22 15.31 11.13
N GLN B 69 15.16 14.01 10.94
CA GLN B 69 15.51 13.06 12.01
C GLN B 69 16.33 11.98 11.31
N SER B 70 17.57 11.73 11.69
CA SER B 70 18.35 10.72 11.02
C SER B 70 18.60 9.53 11.95
N ARG B 71 18.70 8.35 11.36
CA ARG B 71 18.96 7.13 12.11
C ARG B 71 19.83 6.27 11.20
N ARG B 72 20.86 5.61 11.63
CA ARG B 72 21.70 4.76 10.82
C ARG B 72 20.88 3.48 10.52
N VAL B 73 20.98 2.94 9.32
CA VAL B 73 20.22 1.73 9.00
C VAL B 73 20.97 0.59 9.65
N ALA B 74 20.33 -0.10 10.57
CA ALA B 74 21.08 -1.19 11.20
C ALA B 74 21.07 -2.43 10.33
N GLN B 75 20.02 -2.64 9.56
CA GLN B 75 19.91 -3.84 8.76
C GLN B 75 18.96 -3.72 7.60
N VAL B 76 19.21 -4.46 6.54
CA VAL B 76 18.39 -4.46 5.34
C VAL B 76 17.89 -5.87 5.11
N ILE B 77 16.59 -6.12 5.08
CA ILE B 77 16.13 -7.51 4.86
C ILE B 77 15.44 -7.59 3.49
N ILE B 78 15.97 -8.48 2.65
CA ILE B 78 15.40 -8.65 1.34
C ILE B 78 14.94 -10.09 1.16
N PRO B 79 13.93 -10.23 0.34
CA PRO B 79 13.33 -11.50 0.04
C PRO B 79 14.39 -12.42 -0.48
N SER B 80 14.35 -13.70 -0.14
CA SER B 80 15.34 -14.64 -0.64
C SER B 80 15.15 -14.91 -2.13
N THR B 81 14.06 -14.42 -2.72
CA THR B 81 13.80 -14.70 -4.12
C THR B 81 14.31 -13.55 -4.97
N TYR B 82 14.76 -12.49 -4.29
CA TYR B 82 15.33 -11.41 -5.06
C TYR B 82 16.70 -11.80 -5.59
N VAL B 83 17.09 -11.35 -6.74
CA VAL B 83 18.36 -11.57 -7.39
C VAL B 83 18.85 -10.21 -7.92
N PRO B 84 19.97 -9.77 -7.38
CA PRO B 84 20.60 -8.51 -7.75
C PRO B 84 20.73 -8.40 -9.24
N GLY B 85 20.42 -7.24 -9.80
CA GLY B 85 20.48 -7.08 -11.25
C GLY B 85 19.17 -7.43 -11.97
N THR B 86 18.23 -8.21 -11.41
CA THR B 86 17.02 -8.48 -12.15
C THR B 86 15.90 -7.80 -11.37
N THR B 87 14.79 -7.38 -11.93
CA THR B 87 13.81 -6.65 -11.15
C THR B 87 12.77 -7.33 -10.29
N ASN B 88 12.53 -8.62 -10.43
CA ASN B 88 11.52 -9.28 -9.60
C ASN B 88 11.77 -9.20 -8.10
N HIS B 89 10.73 -9.17 -7.29
CA HIS B 89 10.75 -9.10 -5.84
C HIS B 89 11.49 -7.86 -5.32
N ASP B 90 11.42 -6.73 -6.01
CA ASP B 90 12.17 -5.57 -5.59
C ASP B 90 11.58 -4.91 -4.34
N ILE B 91 11.95 -5.44 -3.17
CA ILE B 91 11.47 -4.91 -1.91
C ILE B 91 12.49 -5.18 -0.79
N ALA B 92 12.46 -4.28 0.23
CA ALA B 92 13.40 -4.43 1.32
C ALA B 92 12.80 -3.87 2.59
N LEU B 93 13.08 -4.50 3.71
CA LEU B 93 12.57 -4.00 4.99
C LEU B 93 13.84 -3.55 5.70
N LEU B 94 13.93 -2.31 6.12
CA LEU B 94 15.14 -1.81 6.76
C LEU B 94 14.90 -1.57 8.25
N ARG B 95 15.87 -1.97 9.09
CA ARG B 95 15.63 -1.72 10.51
CA ARG B 95 15.68 -1.75 10.52
C ARG B 95 16.51 -0.56 11.00
N LEU B 96 15.80 0.40 11.60
CA LEU B 96 16.57 1.56 12.14
C LEU B 96 17.24 1.19 13.44
N HIS B 97 18.48 1.57 13.71
CA HIS B 97 19.13 1.25 14.99
C HIS B 97 18.28 1.80 16.15
N GLN B 98 17.84 3.03 16.12
CA GLN B 98 17.03 3.66 17.14
C GLN B 98 15.79 4.23 16.50
N PRO B 99 14.67 4.10 17.15
CA PRO B 99 13.40 4.59 16.66
C PRO B 99 13.48 6.06 16.33
N VAL B 100 12.50 6.48 15.54
CA VAL B 100 12.35 7.86 15.20
C VAL B 100 11.21 8.25 16.17
N VAL B 101 11.05 9.58 16.25
CA VAL B 101 10.00 10.06 17.14
C VAL B 101 8.86 10.49 16.27
N LEU B 102 7.72 9.83 16.37
CA LEU B 102 6.60 10.34 15.55
C LEU B 102 6.43 11.80 15.91
N THR B 103 6.21 12.66 14.94
CA THR B 103 5.98 14.09 15.07
C THR B 103 5.00 14.50 13.96
N ASP B 104 4.63 15.77 13.92
CA ASP B 104 3.70 16.34 12.95
C ASP B 104 4.16 16.13 11.50
N HIS B 105 5.46 16.11 11.33
CA HIS B 105 6.19 15.91 10.12
C HIS B 105 6.76 14.49 9.98
N VAL B 106 6.40 13.56 10.86
CA VAL B 106 6.96 12.23 10.83
C VAL B 106 5.94 11.21 11.28
N VAL B 107 5.32 10.51 10.34
CA VAL B 107 4.30 9.53 10.61
C VAL B 107 4.41 8.39 9.64
N PRO B 108 4.21 7.19 10.08
CA PRO B 108 4.23 6.00 9.27
C PRO B 108 3.01 5.85 8.36
N LEU B 109 3.22 5.09 7.26
CA LEU B 109 2.04 4.89 6.38
C LEU B 109 1.39 3.61 6.79
N CYS B 110 0.10 3.37 6.78
CA CYS B 110 -0.29 2.01 7.22
C CYS B 110 0.12 0.89 6.24
N LEU B 111 0.52 -0.28 6.72
CA LEU B 111 0.88 -1.44 5.95
C LEU B 111 -0.43 -2.23 6.02
N PRO B 112 -1.25 -2.21 5.01
CA PRO B 112 -2.56 -2.80 4.99
C PRO B 112 -2.72 -4.29 5.03
N GLU B 113 -3.85 -4.68 5.63
CA GLU B 113 -4.07 -6.13 5.68
C GLU B 113 -4.21 -6.55 4.22
N ARG B 114 -3.51 -7.59 3.83
CA ARG B 114 -3.51 -8.05 2.46
C ARG B 114 -4.85 -8.11 1.74
N THR B 115 -5.85 -8.77 2.34
CA THR B 115 -7.12 -8.90 1.65
C THR B 115 -7.81 -7.60 1.36
N PHE B 116 -7.57 -6.61 2.21
CA PHE B 116 -8.24 -5.32 1.96
C PHE B 116 -7.51 -4.71 0.77
N SER B 117 -6.18 -4.90 0.77
CA SER B 117 -5.42 -4.28 -0.31
C SER B 117 -5.83 -4.81 -1.66
N GLU B 118 -6.07 -6.10 -1.78
CA GLU B 118 -6.47 -6.71 -3.00
C GLU B 118 -7.93 -6.50 -3.36
N ARG B 119 -8.80 -6.35 -2.40
CA ARG B 119 -10.23 -6.26 -2.73
C ARG B 119 -10.68 -4.83 -2.93
N THR B 120 -10.09 -3.91 -2.17
CA THR B 120 -10.45 -2.53 -2.24
C THR B 120 -9.34 -1.62 -2.66
N LEU B 121 -8.20 -1.62 -1.98
CA LEU B 121 -7.16 -0.68 -2.39
C LEU B 121 -6.73 -0.75 -3.82
N ALA B 122 -6.70 -1.95 -4.40
CA ALA B 122 -6.30 -2.14 -5.77
C ALA B 122 -7.32 -1.52 -6.69
N PHE B 123 -8.59 -1.27 -6.33
CA PHE B 123 -9.43 -0.64 -7.37
C PHE B 123 -9.47 0.89 -7.24
N VAL B 124 -8.68 1.47 -6.32
CA VAL B 124 -8.78 2.92 -6.25
C VAL B 124 -7.99 3.49 -7.43
N ARG B 125 -8.67 4.19 -8.32
CA ARG B 125 -8.03 4.76 -9.50
C ARG B 125 -6.74 5.45 -9.19
N PHE B 126 -6.64 6.56 -8.43
CA PHE B 126 -5.32 7.19 -8.33
C PHE B 126 -4.54 6.94 -7.07
N SER B 127 -3.25 7.23 -6.98
CA SER B 127 -2.42 7.04 -5.82
C SER B 127 -1.22 7.99 -5.87
N LEU B 128 -0.59 8.29 -4.73
CA LEU B 128 0.55 9.19 -4.78
C LEU B 128 1.87 8.45 -4.77
N VAL B 129 2.85 8.96 -5.50
CA VAL B 129 4.19 8.36 -5.53
C VAL B 129 5.01 9.63 -5.28
N SER B 130 6.15 9.56 -4.61
CA SER B 130 6.91 10.76 -4.29
C SER B 130 8.38 10.50 -4.08
N GLY B 131 9.24 11.52 -4.10
CA GLY B 131 10.65 11.25 -3.94
C GLY B 131 11.49 12.45 -4.34
N TRP B 132 12.79 12.35 -4.27
CA TRP B 132 13.81 13.31 -4.59
C TRP B 132 14.58 12.75 -5.77
N GLY B 133 14.03 11.75 -6.49
CA GLY B 133 14.80 11.20 -7.62
C GLY B 133 14.95 12.15 -8.80
N GLN B 134 15.58 11.71 -9.90
CA GLN B 134 15.68 12.60 -11.05
C GLN B 134 14.32 13.14 -11.45
N LEU B 135 14.31 14.42 -11.86
CA LEU B 135 13.09 15.08 -12.30
C LEU B 135 12.84 14.85 -13.78
N LEU B 136 13.84 14.25 -14.41
CA LEU B 136 13.83 13.89 -15.80
C LEU B 136 14.62 12.62 -16.01
N ASP B 137 14.52 11.95 -17.15
CA ASP B 137 15.34 10.75 -17.30
C ASP B 137 16.79 11.13 -17.08
N ARG B 138 17.51 12.00 -17.79
CA ARG B 138 18.92 12.11 -17.32
C ARG B 138 19.13 13.43 -16.63
N GLY B 139 18.06 13.91 -15.99
CA GLY B 139 18.08 15.16 -15.30
C GLY B 139 18.47 15.13 -13.86
N ALA B 140 18.44 16.35 -13.32
CA ALA B 140 18.77 16.63 -11.94
C ALA B 140 17.75 16.03 -10.98
N THR B 141 18.25 15.66 -9.81
CA THR B 141 17.39 15.17 -8.75
C THR B 141 16.79 16.44 -8.13
N ALA B 142 15.73 16.28 -7.40
CA ALA B 142 15.08 17.39 -6.75
C ALA B 142 15.90 17.83 -5.50
N LEU B 143 15.46 19.01 -5.09
CA LEU B 143 15.93 19.66 -3.92
C LEU B 143 14.74 19.53 -2.96
N GLU B 144 13.51 19.56 -3.46
CA GLU B 144 12.36 19.43 -2.59
C GLU B 144 11.44 18.26 -2.87
N LEU B 145 10.84 17.65 -1.85
CA LEU B 145 9.98 16.49 -2.09
C LEU B 145 8.97 16.74 -3.18
N MET B 146 9.03 15.90 -4.22
CA MET B 146 8.08 16.04 -5.34
C MET B 146 7.05 14.96 -5.13
N VAL B 147 5.83 15.13 -5.56
CA VAL B 147 4.81 14.07 -5.38
C VAL B 147 4.02 14.07 -6.69
N LEU B 148 3.46 12.91 -7.03
CA LEU B 148 2.70 12.73 -8.25
C LEU B 148 1.49 11.84 -8.05
N ASN B 149 0.42 12.10 -8.78
CA ASN B 149 -0.79 11.29 -8.67
C ASN B 149 -0.92 10.48 -9.96
N VAL B 150 -0.81 9.15 -9.85
CA VAL B 150 -0.84 8.24 -10.99
C VAL B 150 -1.94 7.22 -10.86
N PRO B 151 -2.63 6.96 -11.95
CA PRO B 151 -3.74 6.01 -12.03
C PRO B 151 -3.10 4.64 -12.21
N ARG B 152 -3.67 3.58 -11.69
CA ARG B 152 -3.18 2.22 -11.73
C ARG B 152 -3.69 1.49 -12.94
N LEU B 153 -2.94 0.54 -13.49
CA LEU B 153 -3.43 -0.24 -14.61
C LEU B 153 -3.40 -1.73 -14.37
N MET B 154 -4.27 -2.47 -15.05
CA MET B 154 -4.25 -3.92 -14.91
C MET B 154 -3.01 -4.31 -15.73
N THR B 155 -2.23 -5.31 -15.35
CA THR B 155 -1.06 -5.66 -16.15
C THR B 155 -1.30 -5.93 -17.60
N GLN B 156 -2.48 -6.42 -18.01
CA GLN B 156 -2.78 -6.70 -19.41
C GLN B 156 -2.83 -5.45 -20.25
N ASP B 157 -2.91 -4.27 -19.68
CA ASP B 157 -2.99 -3.01 -20.37
C ASP B 157 -1.70 -2.25 -20.31
N CYS B 158 -0.76 -2.78 -19.54
CA CYS B 158 0.48 -2.09 -19.35
C CYS B 158 1.32 -1.80 -20.56
N LEU B 159 1.36 -2.62 -21.58
CA LEU B 159 2.12 -2.45 -22.78
C LEU B 159 1.24 -2.20 -24.00
N GLN B 160 -0.07 -2.14 -23.79
CA GLN B 160 -0.93 -1.96 -24.95
C GLN B 160 -0.63 -0.69 -25.72
N GLN B 161 -0.24 0.42 -25.12
CA GLN B 161 0.07 1.69 -25.71
C GLN B 161 1.49 1.85 -26.21
N SER B 162 2.34 0.85 -26.22
CA SER B 162 3.73 0.96 -26.64
C SER B 162 4.05 0.83 -28.11
N VAL B 165 12.42 -2.60 -27.76
CA VAL B 165 13.16 -3.43 -26.83
C VAL B 165 12.35 -4.64 -26.35
N GLY B 166 12.67 -5.81 -26.90
CA GLY B 166 11.95 -7.02 -26.45
C GLY B 166 12.57 -7.35 -25.07
N ASP B 167 13.88 -7.07 -24.95
CA ASP B 167 14.66 -7.35 -23.77
C ASP B 167 14.61 -6.43 -22.56
N SER B 168 13.45 -5.84 -22.33
CA SER B 168 13.13 -5.02 -21.19
C SER B 168 12.58 -6.06 -20.19
N PRO B 169 12.62 -5.70 -18.93
CA PRO B 169 12.13 -6.56 -17.87
C PRO B 169 10.65 -6.83 -18.13
N ASN B 170 10.17 -7.98 -17.71
CA ASN B 170 8.82 -8.46 -17.81
C ASN B 170 8.02 -8.15 -16.57
N ILE B 171 6.81 -7.66 -16.65
CA ILE B 171 6.08 -7.35 -15.41
C ILE B 171 5.64 -8.64 -14.74
N THR B 172 6.07 -8.94 -13.54
CA THR B 172 5.59 -10.22 -13.03
C THR B 172 4.41 -9.97 -12.12
N GLU B 173 4.00 -11.04 -11.45
CA GLU B 173 2.89 -10.96 -10.53
C GLU B 173 3.33 -10.25 -9.27
N TYR B 174 4.61 -9.98 -9.06
CA TYR B 174 4.99 -9.28 -7.85
C TYR B 174 5.10 -7.80 -8.12
N MET B 175 4.54 -7.34 -9.22
CA MET B 175 4.57 -5.97 -9.69
C MET B 175 3.24 -5.50 -10.28
N PHE B 176 3.12 -4.19 -10.47
CA PHE B 176 1.98 -3.58 -11.08
C PHE B 176 2.45 -2.29 -11.76
N CYS B 177 1.66 -1.76 -12.69
CA CYS B 177 1.87 -0.59 -13.47
C CYS B 177 0.97 0.56 -13.01
N ALA B 178 1.53 1.78 -13.14
CA ALA B 178 0.77 2.97 -12.80
C ALA B 178 1.43 4.13 -13.53
N GLY B 179 0.62 5.13 -13.84
CA GLY B 179 1.24 6.29 -14.50
C GLY B 179 0.46 6.66 -15.77
N TYR B 180 1.22 7.36 -16.60
CA TYR B 180 0.81 7.89 -17.85
C TYR B 180 1.73 7.50 -19.01
N SER B 181 1.14 7.25 -20.17
CA SER B 181 1.87 6.86 -21.36
C SER B 181 2.17 7.97 -22.34
N ASP B 182 1.82 9.21 -21.94
CA ASP B 182 2.08 10.29 -22.84
C ASP B 182 3.41 10.93 -22.58
N GLY B 183 4.44 10.41 -21.93
CA GLY B 183 5.69 11.14 -21.75
C GLY B 183 5.50 12.29 -20.78
N SER B 184 4.38 12.38 -20.01
CA SER B 184 4.34 13.54 -19.13
C SER B 184 4.81 13.32 -17.71
N LYS B 185 4.18 12.36 -17.02
CA LYS B 185 4.40 12.07 -15.64
C LYS B 185 4.75 10.67 -15.18
N ASP B 186 5.78 10.51 -14.35
CA ASP B 186 6.17 9.17 -13.84
C ASP B 186 7.19 9.24 -12.70
N SER B 187 7.49 8.11 -12.09
CA SER B 187 8.49 8.14 -10.99
C SER B 187 9.79 7.97 -11.77
N CYS B 188 10.96 8.17 -11.24
CA CYS B 188 12.15 8.08 -12.06
C CYS B 188 13.35 7.65 -11.23
N LYS B 189 14.55 7.60 -11.81
CA LYS B 189 15.68 7.14 -11.02
C LYS B 189 15.93 7.89 -9.74
N GLY B 190 16.04 7.17 -8.62
CA GLY B 190 16.32 7.84 -7.36
C GLY B 190 15.13 7.86 -6.44
N ASP B 191 13.97 7.54 -7.01
CA ASP B 191 12.76 7.52 -6.20
C ASP B 191 12.54 6.09 -5.71
N SER B 192 13.33 5.14 -6.26
CA SER B 192 13.03 3.79 -5.85
C SER B 192 12.85 3.70 -4.34
N GLY B 193 11.89 2.87 -3.96
CA GLY B 193 11.64 2.66 -2.53
C GLY B 193 10.65 3.65 -1.97
N GLY B 194 10.27 4.72 -2.63
CA GLY B 194 9.33 5.69 -2.12
C GLY B 194 7.97 5.01 -2.17
N PRO B 195 7.01 5.50 -1.46
CA PRO B 195 5.70 4.90 -1.41
C PRO B 195 4.86 5.21 -2.64
N HIS B 196 3.96 4.28 -2.89
CA HIS B 196 2.95 4.46 -3.92
C HIS B 196 1.82 4.33 -2.84
N ALA B 197 1.22 5.44 -2.47
CA ALA B 197 0.22 5.45 -1.41
C ALA B 197 -1.21 5.66 -1.94
N THR B 198 -2.17 5.02 -1.33
CA THR B 198 -3.54 5.01 -1.72
C THR B 198 -4.41 5.40 -0.53
N HIS B 199 -5.35 6.30 -0.81
CA HIS B 199 -6.22 6.84 0.19
C HIS B 199 -7.48 6.08 0.18
N TYR B 200 -8.11 5.78 1.29
CA TYR B 200 -9.39 5.08 1.31
C TYR B 200 -10.05 5.49 2.65
N ARG B 201 -11.20 6.14 2.51
CA ARG B 201 -12.03 6.66 3.56
C ARG B 201 -11.23 7.35 4.63
N GLY B 202 -10.45 8.35 4.21
CA GLY B 202 -9.65 9.13 5.13
C GLY B 202 -8.37 8.52 5.57
N THR B 203 -7.99 7.28 5.19
CA THR B 203 -6.68 6.79 5.68
C THR B 203 -5.77 6.47 4.52
N TRP B 204 -4.48 6.69 4.56
CA TRP B 204 -3.54 6.37 3.49
C TRP B 204 -2.84 5.02 3.73
N TYR B 205 -2.78 4.13 2.75
CA TYR B 205 -2.17 2.83 2.86
C TYR B 205 -1.11 2.52 1.80
N LEU B 206 -0.05 1.81 2.16
CA LEU B 206 1.05 1.45 1.27
C LEU B 206 0.63 0.37 0.28
N THR B 207 0.72 0.62 -1.03
CA THR B 207 0.25 -0.34 -2.03
C THR B 207 1.36 -0.69 -2.98
N GLY B 208 2.30 0.24 -3.21
CA GLY B 208 3.37 -0.23 -4.12
C GLY B 208 4.67 0.44 -3.80
N ILE B 209 5.76 0.00 -4.41
CA ILE B 209 7.04 0.65 -4.12
C ILE B 209 7.61 1.06 -5.48
N VAL B 210 8.22 2.20 -5.60
CA VAL B 210 8.76 2.61 -6.84
C VAL B 210 9.80 1.58 -7.19
N SER B 211 9.72 0.85 -8.26
CA SER B 211 10.73 -0.11 -8.58
C SER B 211 11.52 0.21 -9.82
N TRP B 212 10.87 0.25 -10.97
CA TRP B 212 11.59 0.54 -12.21
C TRP B 212 10.64 0.95 -13.32
N GLY B 213 11.25 1.24 -14.47
CA GLY B 213 10.58 1.64 -15.69
C GLY B 213 11.50 1.73 -16.92
N GLN B 214 10.85 1.91 -18.10
CA GLN B 214 11.61 2.06 -19.35
C GLN B 214 11.96 3.56 -19.30
N GLY B 215 13.22 3.89 -19.01
CA GLY B 215 13.51 5.33 -18.92
C GLY B 215 12.49 5.93 -17.97
N CYS B 216 12.09 7.20 -18.06
CA CYS B 216 11.11 7.76 -17.12
C CYS B 216 10.12 8.59 -17.92
N ALA B 217 8.84 8.29 -17.88
CA ALA B 217 7.89 9.04 -18.68
C ALA B 217 8.22 8.88 -20.16
N THR B 218 8.49 7.67 -20.59
CA THR B 218 8.80 7.37 -21.98
C THR B 218 7.48 7.25 -22.71
N VAL B 219 7.29 8.01 -23.78
CA VAL B 219 6.02 7.93 -24.48
C VAL B 219 5.78 6.45 -24.81
N GLY B 220 4.58 6.01 -24.59
CA GLY B 220 4.24 4.64 -24.86
C GLY B 220 4.33 3.76 -23.65
N HIS B 221 5.14 4.04 -22.63
CA HIS B 221 5.28 3.20 -21.45
C HIS B 221 4.75 3.82 -20.18
N PHE B 222 4.63 3.11 -19.10
CA PHE B 222 4.19 3.46 -17.79
C PHE B 222 5.30 3.13 -16.77
N GLY B 223 5.08 3.32 -15.47
CA GLY B 223 6.09 3.02 -14.48
C GLY B 223 5.78 1.74 -13.73
N VAL B 224 6.80 0.98 -13.28
CA VAL B 224 6.49 -0.27 -12.59
C VAL B 224 6.81 -0.19 -11.12
N TYR B 225 5.88 -0.62 -10.30
CA TYR B 225 5.94 -0.63 -8.85
C TYR B 225 5.86 -2.03 -8.27
N THR B 226 6.43 -2.14 -7.05
CA THR B 226 6.41 -3.45 -6.39
C THR B 226 5.06 -3.66 -5.80
N ARG B 227 4.49 -4.83 -5.98
CA ARG B 227 3.13 -5.14 -5.51
C ARG B 227 3.16 -5.48 -4.03
N VAL B 228 3.12 -4.42 -3.19
CA VAL B 228 3.18 -4.70 -1.78
C VAL B 228 2.16 -5.75 -1.34
N SER B 229 0.89 -5.81 -1.68
CA SER B 229 0.01 -6.84 -1.19
C SER B 229 0.69 -8.18 -1.19
N GLN B 230 1.57 -8.58 -2.11
CA GLN B 230 2.09 -9.94 -1.93
C GLN B 230 3.08 -10.00 -0.79
N TYR B 231 3.57 -8.97 -0.17
CA TYR B 231 4.58 -9.11 0.87
C TYR B 231 4.08 -8.78 2.26
N ILE B 232 2.75 -8.65 2.44
CA ILE B 232 2.23 -8.31 3.75
C ILE B 232 2.64 -9.27 4.86
N GLU B 233 2.23 -10.53 4.76
CA GLU B 233 2.61 -11.52 5.77
C GLU B 233 4.14 -11.48 5.89
N TRP B 234 4.82 -11.57 4.74
CA TRP B 234 6.28 -11.59 4.80
C TRP B 234 6.76 -10.45 5.69
N LEU B 235 6.42 -9.21 5.41
CA LEU B 235 6.81 -8.08 6.20
C LEU B 235 6.32 -8.21 7.63
N GLN B 236 5.05 -8.52 7.85
CA GLN B 236 4.54 -8.62 9.24
C GLN B 236 5.37 -9.53 10.10
N LYS B 237 5.63 -10.75 9.62
CA LYS B 237 6.37 -11.75 10.36
C LYS B 237 7.75 -11.26 10.70
N LEU B 238 8.43 -10.49 9.86
CA LEU B 238 9.76 -10.05 10.17
C LEU B 238 9.69 -8.95 11.23
N MET B 239 8.61 -8.18 11.28
CA MET B 239 8.54 -7.15 12.30
C MET B 239 8.17 -7.68 13.68
N ARG B 240 7.47 -8.77 13.78
CA ARG B 240 6.98 -9.35 14.99
C ARG B 240 7.91 -10.45 15.48
N SER B 241 9.02 -10.64 14.77
CA SER B 241 9.92 -11.69 15.27
C SER B 241 11.02 -11.03 16.06
N GLU B 242 11.96 -11.82 16.56
CA GLU B 242 13.05 -11.24 17.36
C GLU B 242 14.11 -10.79 16.36
N PRO B 243 14.83 -9.77 16.73
CA PRO B 243 15.87 -9.20 15.91
C PRO B 243 16.83 -10.28 15.49
N ARG B 244 17.38 -10.12 14.28
CA ARG B 244 18.37 -11.07 13.79
C ARG B 244 19.65 -10.28 13.51
N PRO B 245 20.76 -10.92 13.84
CA PRO B 245 22.08 -10.32 13.65
C PRO B 245 22.37 -10.28 12.16
N GLY B 246 23.22 -9.41 11.68
CA GLY B 246 23.58 -9.32 10.29
C GLY B 246 23.23 -7.95 9.75
N VAL B 247 23.85 -7.57 8.65
CA VAL B 247 23.48 -6.26 8.08
C VAL B 247 22.63 -6.48 6.82
N LEU B 248 22.90 -7.59 6.11
CA LEU B 248 22.08 -7.80 4.92
C LEU B 248 21.42 -9.15 5.02
N LEU B 249 20.12 -9.28 5.18
CA LEU B 249 19.52 -10.58 5.32
C LEU B 249 18.57 -11.00 4.23
N ARG B 250 18.79 -12.22 3.74
CA ARG B 250 17.92 -12.77 2.72
C ARG B 250 16.88 -13.60 3.47
N ALA B 251 15.79 -12.98 3.94
CA ALA B 251 14.79 -13.81 4.64
C ALA B 251 13.98 -14.60 3.63
N PRO B 252 13.71 -15.85 3.94
CA PRO B 252 12.91 -16.74 3.10
C PRO B 252 11.63 -16.05 2.67
N PHE B 253 11.22 -16.30 1.44
CA PHE B 253 9.97 -15.74 0.90
C PHE B 253 9.47 -16.84 0.05
N PRO B 254 8.15 -17.24 0.25
CA PRO B 254 7.43 -16.49 1.27
C PRO B 254 7.69 -16.91 2.72
#